data_7HSS
#
_entry.id   7HSS
#
_cell.length_a   98.735
_cell.length_b   98.787
_cell.length_c   128.795
_cell.angle_alpha   90.00
_cell.angle_beta   90.00
_cell.angle_gamma   90.00
#
_symmetry.space_group_name_H-M   'I 2 2 2'
#
loop_
_entity.id
_entity.type
_entity.pdbx_description
1 polymer 'Oleoyl-acyl carrier protein thioesterase 1, chloroplastic'
2 non-polymer N,N-dimethyl-2-(1H-pyrazol-1-yl)acetamide
3 water water
#
_entity_poly.entity_id   1
_entity_poly.type   'polypeptide(L)'
_entity_poly.pdbx_seq_one_letter_code
;MGSLTEDGLSYKEKFVVRSYEVGSNKTATVETIANLLQEVGCNHAQSVGFSTDGFATTTTMRKLHLIWVTARMHIEIYKY
PAWGDVVEIETWCQSEGRIGTRRDWILKDSVTGEVTGRATSKWVMMNQDTRRLQKVSDDVRDEYLVFCPQEPRLAFPEEN
NRSLKKIPKLEDPAQYSMIGLKPRRADLDMNQHVNNVTYIGWVLESIPQEIVDTHELQVITLDYRRECQQDDVVDSLTTT
TSEIGGTNGSATSGTQGHNDSQFLHLLRLSGDGQEINRGTTLWRKKPSSHHHHHH
;
_entity_poly.pdbx_strand_id   A,B
#
loop_
_chem_comp.id
_chem_comp.type
_chem_comp.name
_chem_comp.formula
YDG non-polymer N,N-dimethyl-2-(1H-pyrazol-1-yl)acetamide 'C7 H11 N3 O'
#
# COMPACT_ATOMS: atom_id res chain seq x y z
N GLY A 2 -7.09 18.49 3.67
CA GLY A 2 -5.87 19.28 3.61
C GLY A 2 -6.09 20.68 3.05
N SER A 3 -5.17 21.59 3.34
CA SER A 3 -5.28 22.95 2.86
C SER A 3 -3.97 23.71 3.01
N LEU A 4 -3.76 24.73 2.16
CA LEU A 4 -2.62 25.63 2.32
C LEU A 4 -2.83 26.43 3.64
N THR A 5 -1.75 26.76 4.33
CA THR A 5 -1.86 27.55 5.56
C THR A 5 -2.24 29.02 5.24
N GLU A 6 -2.45 29.84 6.27
CA GLU A 6 -2.84 31.23 6.17
C GLU A 6 -1.98 32.09 5.21
N ASP A 7 -0.64 31.97 5.30
CA ASP A 7 0.23 32.75 4.41
C ASP A 7 0.35 32.15 2.97
N GLY A 8 -0.17 30.95 2.75
CA GLY A 8 -0.14 30.24 1.48
C GLY A 8 1.22 29.67 1.11
N LEU A 9 2.18 29.68 2.06
CA LEU A 9 3.54 29.20 1.79
C LEU A 9 3.85 27.79 2.33
N SER A 10 2.84 27.08 2.85
CA SER A 10 2.98 25.71 3.33
C SER A 10 1.61 24.98 3.27
N TYR A 11 1.59 23.65 3.44
CA TYR A 11 0.34 22.88 3.32
C TYR A 11 0.19 21.90 4.48
N LYS A 12 -1.02 21.77 5.02
CA LYS A 12 -1.27 20.84 6.12
C LYS A 12 -2.33 19.82 5.77
N GLU A 13 -2.20 18.61 6.30
CA GLU A 13 -3.17 17.56 6.09
C GLU A 13 -3.18 16.56 7.27
N LYS A 14 -4.37 16.05 7.64
CA LYS A 14 -4.51 15.07 8.71
C LYS A 14 -4.82 13.70 8.14
N PHE A 15 -4.25 12.64 8.74
CA PHE A 15 -4.44 11.28 8.28
C PHE A 15 -4.77 10.40 9.46
N VAL A 16 -5.71 9.48 9.29
CA VAL A 16 -6.04 8.53 10.34
C VAL A 16 -5.31 7.25 9.96
N VAL A 17 -4.46 6.71 10.85
CA VAL A 17 -3.69 5.50 10.55
C VAL A 17 -4.59 4.26 10.34
N ARG A 18 -4.41 3.56 9.20
CA ARG A 18 -5.21 2.39 8.81
C ARG A 18 -4.68 1.05 9.30
N SER A 19 -5.58 0.08 9.48
CA SER A 19 -5.26 -1.28 9.93
C SER A 19 -4.18 -1.96 9.11
N TYR A 20 -4.22 -1.83 7.78
CA TYR A 20 -3.20 -2.48 6.94
C TYR A 20 -1.89 -1.68 6.85
N GLU A 21 -1.85 -0.47 7.38
CA GLU A 21 -0.69 0.42 7.34
C GLU A 21 0.30 0.19 8.50
N VAL A 22 -0.08 -0.63 9.50
CA VAL A 22 0.73 -0.85 10.69
C VAL A 22 1.51 -2.16 10.69
N GLY A 23 2.60 -2.19 11.46
CA GLY A 23 3.43 -3.38 11.61
C GLY A 23 3.12 -4.19 12.86
N SER A 24 4.08 -5.02 13.29
N SER A 24 4.07 -5.04 13.28
N SER A 24 4.08 -5.02 13.29
CA SER A 24 3.96 -5.90 14.46
CA SER A 24 3.91 -5.91 14.45
CA SER A 24 3.96 -5.90 14.46
C SER A 24 3.70 -5.14 15.76
C SER A 24 3.73 -5.15 15.78
C SER A 24 3.70 -5.14 15.76
N ASN A 25 4.19 -3.90 15.86
CA ASN A 25 4.00 -3.07 17.05
C ASN A 25 2.63 -2.34 17.09
N LYS A 26 1.75 -2.59 16.10
CA LYS A 26 0.47 -1.91 15.93
C LYS A 26 0.65 -0.40 15.67
N THR A 27 1.84 0.01 15.13
CA THR A 27 2.16 1.37 14.75
C THR A 27 2.55 1.45 13.25
N ALA A 28 2.37 2.62 12.63
CA ALA A 28 2.65 2.81 11.21
C ALA A 28 4.09 2.43 10.82
N THR A 29 4.26 1.79 9.67
CA THR A 29 5.58 1.43 9.18
C THR A 29 6.25 2.69 8.59
N VAL A 30 7.56 2.66 8.39
CA VAL A 30 8.27 3.77 7.73
C VAL A 30 7.81 3.94 6.28
N GLU A 31 7.29 2.87 5.64
CA GLU A 31 6.78 2.95 4.29
C GLU A 31 5.43 3.64 4.27
N THR A 32 4.59 3.42 5.31
CA THR A 32 3.33 4.14 5.44
C THR A 32 3.63 5.64 5.64
N ILE A 33 4.62 5.97 6.48
CA ILE A 33 5.00 7.36 6.70
C ILE A 33 5.44 8.01 5.39
N ALA A 34 6.40 7.39 4.66
CA ALA A 34 6.89 7.87 3.37
C ALA A 34 5.78 8.04 2.31
N ASN A 35 4.76 7.14 2.28
CA ASN A 35 3.61 7.24 1.38
C ASN A 35 2.79 8.50 1.72
N LEU A 36 2.57 8.77 3.02
CA LEU A 36 1.83 9.94 3.51
C LEU A 36 2.57 11.24 3.20
N LEU A 37 3.92 11.23 3.29
CA LEU A 37 4.72 12.42 2.93
C LEU A 37 4.54 12.70 1.42
N GLN A 38 4.56 11.65 0.57
CA GLN A 38 4.37 11.85 -0.86
C GLN A 38 2.93 12.29 -1.19
N GLU A 39 1.92 11.78 -0.44
CA GLU A 39 0.52 12.17 -0.60
C GLU A 39 0.29 13.66 -0.28
N VAL A 40 0.85 14.14 0.84
CA VAL A 40 0.68 15.53 1.22
C VAL A 40 1.47 16.46 0.27
N GLY A 41 2.63 15.99 -0.23
CA GLY A 41 3.42 16.71 -1.21
C GLY A 41 2.64 16.88 -2.52
N CYS A 42 1.97 15.82 -2.98
N CYS A 42 1.97 15.82 -2.95
N CYS A 42 1.97 15.82 -2.98
CA CYS A 42 1.16 15.87 -4.20
CA CYS A 42 1.16 15.81 -4.15
CA CYS A 42 1.16 15.87 -4.20
C CYS A 42 -0.05 16.78 -4.03
C CYS A 42 -0.04 16.75 -4.02
C CYS A 42 -0.05 16.78 -4.03
N ASN A 43 -0.66 16.79 -2.83
CA ASN A 43 -1.81 17.67 -2.57
C ASN A 43 -1.38 19.15 -2.50
N HIS A 44 -0.14 19.44 -2.07
CA HIS A 44 0.39 20.80 -2.05
C HIS A 44 0.60 21.26 -3.52
N ALA A 45 1.18 20.39 -4.38
CA ALA A 45 1.37 20.70 -5.80
C ALA A 45 0.02 20.95 -6.53
N GLN A 46 -1.01 20.18 -6.20
CA GLN A 46 -2.35 20.35 -6.78
C GLN A 46 -3.00 21.66 -6.38
N SER A 47 -2.91 22.03 -5.10
CA SER A 47 -3.55 23.24 -4.60
C SER A 47 -3.03 24.53 -5.21
N VAL A 48 -1.84 24.51 -5.82
CA VAL A 48 -1.28 25.70 -6.45
C VAL A 48 -1.10 25.56 -7.97
N GLY A 49 -1.79 24.60 -8.59
CA GLY A 49 -1.80 24.43 -10.04
C GLY A 49 -0.69 23.68 -10.72
N PHE A 50 0.26 23.11 -9.97
CA PHE A 50 1.34 22.34 -10.57
C PHE A 50 0.86 20.96 -11.04
N SER A 51 1.70 20.23 -11.81
CA SER A 51 1.40 18.86 -12.23
C SER A 51 1.33 17.97 -11.00
N THR A 52 0.54 16.92 -11.11
CA THR A 52 0.28 16.04 -9.99
C THR A 52 0.82 14.59 -10.16
N ASP A 53 1.49 14.30 -11.26
CA ASP A 53 2.07 12.97 -11.56
C ASP A 53 3.31 12.59 -10.69
N GLY A 54 3.52 13.32 -9.60
CA GLY A 54 4.68 13.12 -8.75
C GLY A 54 5.91 13.89 -9.20
N PHE A 55 5.79 14.69 -10.30
CA PHE A 55 6.91 15.45 -10.84
C PHE A 55 6.83 16.97 -10.64
N ALA A 56 5.71 17.51 -10.12
CA ALA A 56 5.47 18.95 -9.85
C ALA A 56 5.98 19.92 -10.94
N THR A 57 5.72 19.61 -12.20
CA THR A 57 6.15 20.39 -13.35
C THR A 57 5.22 21.59 -13.68
N THR A 58 5.78 22.63 -14.30
CA THR A 58 5.00 23.76 -14.85
C THR A 58 4.74 23.44 -16.35
N THR A 59 3.81 24.16 -17.01
CA THR A 59 3.56 23.98 -18.46
C THR A 59 4.86 24.24 -19.27
N THR A 60 5.78 25.08 -18.76
CA THR A 60 7.04 25.36 -19.41
C THR A 60 7.93 24.11 -19.37
N MET A 61 8.00 23.44 -18.21
N MET A 61 8.00 23.44 -18.21
N MET A 61 8.00 23.44 -18.21
CA MET A 61 8.77 22.22 -18.05
CA MET A 61 8.78 22.22 -18.04
CA MET A 61 8.77 22.22 -18.05
C MET A 61 8.21 21.11 -18.91
C MET A 61 8.21 21.11 -18.91
C MET A 61 8.21 21.11 -18.91
N ARG A 62 6.87 21.00 -18.99
CA ARG A 62 6.20 19.97 -19.80
C ARG A 62 6.52 20.07 -21.30
N LYS A 63 6.69 21.30 -21.82
CA LYS A 63 7.01 21.52 -23.22
C LYS A 63 8.44 21.03 -23.51
N LEU A 64 9.37 21.29 -22.57
CA LEU A 64 10.77 20.87 -22.71
C LEU A 64 11.05 19.45 -22.20
N HIS A 65 10.00 18.68 -21.86
CA HIS A 65 10.12 17.33 -21.30
C HIS A 65 11.02 17.30 -20.06
N LEU A 66 10.88 18.29 -19.19
CA LEU A 66 11.63 18.40 -17.94
C LEU A 66 10.78 17.94 -16.74
N ILE A 67 11.41 17.22 -15.79
CA ILE A 67 10.78 16.68 -14.57
C ILE A 67 11.65 16.95 -13.35
N TRP A 68 11.01 16.99 -12.16
CA TRP A 68 11.71 17.08 -10.88
C TRP A 68 11.87 15.63 -10.38
N VAL A 69 13.05 15.25 -9.97
CA VAL A 69 13.30 13.89 -9.49
C VAL A 69 13.96 13.92 -8.10
N THR A 70 13.62 12.95 -7.23
CA THR A 70 14.22 12.88 -5.90
C THR A 70 15.66 12.39 -6.00
N ALA A 71 16.60 13.17 -5.47
CA ALA A 71 18.01 12.79 -5.41
C ALA A 71 18.29 12.15 -4.03
N ARG A 72 17.69 12.67 -2.97
CA ARG A 72 17.86 12.12 -1.62
C ARG A 72 16.59 12.31 -0.77
N MET A 73 16.34 11.33 0.10
CA MET A 73 15.25 11.37 1.08
C MET A 73 15.86 11.12 2.51
N HIS A 74 15.46 11.90 3.51
CA HIS A 74 15.95 11.74 4.87
C HIS A 74 14.77 11.82 5.84
N ILE A 75 14.51 10.74 6.57
CA ILE A 75 13.38 10.70 7.51
C ILE A 75 13.85 10.38 8.94
N GLU A 76 13.35 11.12 9.93
CA GLU A 76 13.65 10.87 11.33
C GLU A 76 12.35 10.72 12.14
N ILE A 77 12.09 9.52 12.70
CA ILE A 77 10.87 9.28 13.49
C ILE A 77 11.17 9.11 14.99
N TYR A 78 10.48 9.89 15.85
CA TYR A 78 10.59 9.82 17.31
C TYR A 78 9.50 8.88 17.83
N LYS A 79 8.27 9.02 17.32
CA LYS A 79 7.16 8.15 17.70
C LYS A 79 6.34 7.78 16.46
N TYR A 80 6.16 6.48 16.21
CA TYR A 80 5.35 6.03 15.08
C TYR A 80 3.89 6.09 15.51
N PRO A 81 3.00 6.72 14.73
CA PRO A 81 1.59 6.81 15.16
C PRO A 81 0.91 5.45 15.27
N ALA A 82 0.08 5.28 16.30
CA ALA A 82 -0.63 4.01 16.49
C ALA A 82 -1.82 3.92 15.52
N TRP A 83 -2.30 2.69 15.28
CA TRP A 83 -3.45 2.47 14.43
C TRP A 83 -4.69 3.15 15.03
N GLY A 84 -5.36 3.96 14.22
CA GLY A 84 -6.51 4.72 14.68
C GLY A 84 -6.15 6.15 15.08
N ASP A 85 -4.85 6.44 15.29
CA ASP A 85 -4.40 7.79 15.66
C ASP A 85 -4.44 8.74 14.47
N VAL A 86 -4.61 10.03 14.75
CA VAL A 86 -4.59 11.05 13.71
C VAL A 86 -3.22 11.73 13.73
N VAL A 87 -2.55 11.78 12.58
CA VAL A 87 -1.28 12.45 12.46
C VAL A 87 -1.45 13.66 11.52
N GLU A 88 -0.90 14.82 11.90
CA GLU A 88 -0.98 15.99 11.05
C GLU A 88 0.41 16.24 10.43
N ILE A 89 0.48 16.43 9.13
CA ILE A 89 1.74 16.67 8.44
C ILE A 89 1.74 18.06 7.78
N GLU A 90 2.77 18.86 8.06
CA GLU A 90 2.93 20.17 7.41
C GLU A 90 4.14 20.08 6.44
N THR A 91 3.94 20.50 5.18
CA THR A 91 4.99 20.44 4.18
C THR A 91 5.19 21.79 3.46
N TRP A 92 6.41 22.03 3.04
CA TRP A 92 6.75 23.23 2.33
C TRP A 92 7.93 22.96 1.40
N CYS A 93 8.06 23.78 0.39
CA CYS A 93 9.13 23.66 -0.57
C CYS A 93 10.02 24.90 -0.52
N GLN A 94 11.31 24.73 -0.80
CA GLN A 94 12.26 25.84 -0.80
C GLN A 94 13.26 25.75 -1.94
N SER A 95 13.57 26.90 -2.55
CA SER A 95 14.55 26.96 -3.61
C SER A 95 15.94 26.86 -3.00
N GLU A 96 16.84 26.18 -3.69
CA GLU A 96 18.23 26.06 -3.27
C GLU A 96 19.12 26.56 -4.39
N GLY A 97 18.78 27.72 -4.95
CA GLY A 97 19.51 28.33 -6.05
C GLY A 97 19.42 27.49 -7.31
N ARG A 98 20.55 27.33 -8.01
CA ARG A 98 20.56 26.54 -9.25
C ARG A 98 20.77 25.04 -9.02
N ILE A 99 20.96 24.60 -7.77
CA ILE A 99 21.13 23.17 -7.50
C ILE A 99 19.79 22.45 -7.71
N GLY A 100 18.74 23.04 -7.16
CA GLY A 100 17.41 22.46 -7.26
C GLY A 100 16.53 22.94 -6.14
N THR A 101 15.60 22.10 -5.72
CA THR A 101 14.67 22.43 -4.66
C THR A 101 14.77 21.43 -3.49
N ARG A 102 14.13 21.78 -2.37
CA ARG A 102 14.11 20.95 -1.20
C ARG A 102 12.67 20.90 -0.68
N ARG A 103 12.15 19.70 -0.36
CA ARG A 103 10.83 19.64 0.25
C ARG A 103 11.01 19.15 1.67
N ASP A 104 10.42 19.85 2.64
CA ASP A 104 10.51 19.46 4.04
C ASP A 104 9.15 19.11 4.64
N TRP A 105 9.16 18.27 5.67
CA TRP A 105 7.94 17.86 6.34
C TRP A 105 8.14 17.87 7.85
N ILE A 106 7.05 18.11 8.60
CA ILE A 106 7.00 18.01 10.06
C ILE A 106 5.76 17.17 10.37
N LEU A 107 5.94 16.10 11.15
CA LEU A 107 4.84 15.23 11.53
C LEU A 107 4.49 15.54 12.97
N LYS A 108 3.21 15.65 13.27
CA LYS A 108 2.76 15.94 14.64
C LYS A 108 1.63 15.02 15.07
N ASP A 109 1.56 14.76 16.37
CA ASP A 109 0.44 14.00 16.93
C ASP A 109 -0.70 15.04 16.98
N SER A 110 -1.84 14.74 16.37
CA SER A 110 -2.96 15.69 16.33
C SER A 110 -3.55 15.94 17.74
N VAL A 111 -3.46 14.95 18.64
CA VAL A 111 -3.98 15.09 19.99
C VAL A 111 -3.04 15.87 20.92
N THR A 112 -1.75 15.52 20.95
CA THR A 112 -0.79 16.19 21.84
C THR A 112 -0.16 17.45 21.25
N GLY A 113 -0.08 17.53 19.93
CA GLY A 113 0.56 18.64 19.23
C GLY A 113 2.08 18.56 19.16
N GLU A 114 2.65 17.46 19.67
CA GLU A 114 4.10 17.30 19.69
C GLU A 114 4.67 16.75 18.37
N VAL A 115 5.91 17.16 18.06
CA VAL A 115 6.60 16.72 16.86
C VAL A 115 6.99 15.25 17.02
N THR A 116 6.42 14.38 16.20
CA THR A 116 6.70 12.94 16.27
C THR A 116 7.66 12.46 15.16
N GLY A 117 7.93 13.32 14.18
CA GLY A 117 8.83 13.01 13.09
C GLY A 117 9.16 14.21 12.23
N ARG A 118 10.21 14.10 11.42
CA ARG A 118 10.57 15.15 10.48
C ARG A 118 11.26 14.58 9.25
N ALA A 119 11.10 15.24 8.09
CA ALA A 119 11.69 14.74 6.87
C ALA A 119 12.15 15.85 5.93
N THR A 120 13.16 15.53 5.12
CA THR A 120 13.69 16.47 4.15
C THR A 120 14.06 15.69 2.88
N SER A 121 13.92 16.32 1.72
CA SER A 121 14.22 15.68 0.45
C SER A 121 14.84 16.67 -0.53
N LYS A 122 15.82 16.22 -1.31
CA LYS A 122 16.48 17.04 -2.31
C LYS A 122 16.00 16.65 -3.72
N TRP A 123 15.58 17.64 -4.52
CA TRP A 123 15.07 17.39 -5.85
C TRP A 123 15.94 18.08 -6.88
N VAL A 124 16.19 17.40 -8.01
CA VAL A 124 16.99 17.91 -9.13
C VAL A 124 16.14 17.89 -10.43
N MET A 125 16.44 18.81 -11.37
CA MET A 125 15.73 18.89 -12.64
C MET A 125 16.36 17.99 -13.72
N MET A 126 15.54 17.19 -14.40
CA MET A 126 16.06 16.22 -15.35
C MET A 126 15.21 16.14 -16.61
N ASN A 127 15.84 15.85 -17.77
CA ASN A 127 15.08 15.62 -18.98
C ASN A 127 14.51 14.21 -18.82
N GLN A 128 13.19 14.07 -18.94
CA GLN A 128 12.40 12.84 -18.84
C GLN A 128 12.94 11.70 -19.73
N ASP A 129 13.35 12.05 -20.95
CA ASP A 129 13.77 11.10 -21.97
C ASP A 129 15.24 10.72 -21.91
N THR A 130 16.16 11.71 -22.01
CA THR A 130 17.60 11.41 -22.01
C THR A 130 18.18 11.11 -20.65
N ARG A 131 17.46 11.50 -19.57
CA ARG A 131 17.86 11.39 -18.17
C ARG A 131 18.98 12.35 -17.79
N ARG A 132 19.21 13.40 -18.59
CA ARG A 132 20.28 14.34 -18.31
C ARG A 132 19.87 15.45 -17.37
N LEU A 133 20.70 15.67 -16.35
CA LEU A 133 20.45 16.69 -15.35
C LEU A 133 20.86 18.05 -15.86
N GLN A 134 20.18 19.08 -15.36
CA GLN A 134 20.53 20.45 -15.68
C GLN A 134 20.19 21.33 -14.50
N LYS A 135 20.96 22.40 -14.33
CA LYS A 135 20.71 23.35 -13.25
C LYS A 135 19.41 24.13 -13.55
N VAL A 136 18.76 24.63 -12.50
CA VAL A 136 17.50 25.34 -12.65
C VAL A 136 17.68 26.66 -13.41
N SER A 137 16.89 26.87 -14.47
CA SER A 137 16.95 28.13 -15.22
C SER A 137 16.17 29.22 -14.46
N ASP A 138 16.47 30.50 -14.72
CA ASP A 138 15.79 31.59 -14.03
C ASP A 138 14.29 31.65 -14.33
N ASP A 139 13.91 31.34 -15.58
CA ASP A 139 12.50 31.37 -15.97
C ASP A 139 11.69 30.30 -15.25
N VAL A 140 12.32 29.13 -14.99
CA VAL A 140 11.66 28.04 -14.25
C VAL A 140 11.63 28.42 -12.77
N ARG A 141 12.76 28.90 -12.23
CA ARG A 141 12.91 29.32 -10.85
C ARG A 141 11.79 30.25 -10.36
N ASP A 142 11.51 31.32 -11.12
CA ASP A 142 10.47 32.30 -10.78
C ASP A 142 9.09 31.67 -10.62
N GLU A 143 8.75 30.68 -11.46
CA GLU A 143 7.46 29.99 -11.42
C GLU A 143 7.16 29.30 -10.10
N TYR A 144 8.18 28.72 -9.42
CA TYR A 144 7.92 28.03 -8.15
C TYR A 144 8.26 28.87 -6.90
N LEU A 145 9.04 29.97 -7.07
CA LEU A 145 9.46 30.84 -5.98
C LEU A 145 8.31 31.53 -5.25
N VAL A 146 7.22 31.85 -5.96
CA VAL A 146 6.07 32.49 -5.34
C VAL A 146 5.25 31.56 -4.39
N PHE A 147 5.58 30.27 -4.35
CA PHE A 147 4.93 29.27 -3.50
C PHE A 147 5.84 28.79 -2.35
N CYS A 148 7.02 29.40 -2.19
CA CYS A 148 8.02 29.01 -1.23
C CYS A 148 8.29 30.13 -0.25
N PRO A 149 8.56 29.84 1.04
CA PRO A 149 9.03 30.91 1.94
C PRO A 149 10.40 31.41 1.44
N GLN A 150 10.63 32.73 1.43
CA GLN A 150 11.90 33.28 0.94
C GLN A 150 13.02 33.16 2.00
N GLU A 151 12.70 33.44 3.29
CA GLU A 151 13.70 33.23 4.36
C GLU A 151 13.81 31.70 4.58
N PRO A 152 14.97 31.18 5.03
CA PRO A 152 15.10 29.74 5.25
C PRO A 152 14.16 29.24 6.35
N ARG A 153 13.61 28.05 6.09
CA ARG A 153 12.71 27.32 6.97
C ARG A 153 13.15 25.86 6.83
N LEU A 154 14.02 25.41 7.74
CA LEU A 154 14.59 24.07 7.66
C LEU A 154 13.97 23.13 8.66
N ALA A 155 13.52 21.95 8.20
CA ALA A 155 13.05 20.91 9.12
C ALA A 155 14.24 20.37 9.94
N PHE A 156 15.47 20.43 9.39
CA PHE A 156 16.68 19.98 10.07
C PHE A 156 17.66 21.16 10.14
N PRO A 157 17.45 22.08 11.10
CA PRO A 157 18.32 23.26 11.17
C PRO A 157 19.78 22.98 11.58
N GLU A 158 20.00 22.19 12.65
CA GLU A 158 21.30 21.82 13.24
C GLU A 158 22.55 21.97 12.33
N GLU A 159 23.64 22.48 12.94
CA GLU A 159 24.95 22.78 12.36
C GLU A 159 25.62 21.61 11.62
N ASN A 160 25.63 20.41 12.22
CA ASN A 160 26.22 19.23 11.60
C ASN A 160 25.17 18.13 11.70
N ASN A 161 24.09 18.25 10.91
CA ASN A 161 23.01 17.28 10.97
C ASN A 161 23.16 16.12 9.97
N ARG A 162 22.52 14.99 10.29
CA ARG A 162 22.55 13.73 9.55
C ARG A 162 22.00 13.78 8.11
N SER A 163 21.09 14.71 7.82
CA SER A 163 20.43 14.82 6.51
C SER A 163 21.34 15.19 5.36
N LEU A 164 22.52 15.76 5.66
CA LEU A 164 23.46 16.22 4.64
C LEU A 164 24.81 15.46 4.67
N LYS A 165 24.85 14.28 5.30
CA LYS A 165 26.08 13.51 5.41
C LYS A 165 26.39 12.73 4.12
N LYS A 166 27.67 12.64 3.75
CA LYS A 166 28.07 11.88 2.57
C LYS A 166 27.94 10.36 2.90
N ILE A 167 27.32 9.57 2.01
CA ILE A 167 27.14 8.13 2.22
C ILE A 167 28.14 7.31 1.38
N PRO A 168 28.95 6.45 2.02
CA PRO A 168 29.93 5.66 1.25
C PRO A 168 29.33 4.42 0.56
N LYS A 169 30.09 3.85 -0.38
CA LYS A 169 29.65 2.65 -1.09
C LYS A 169 30.07 1.38 -0.33
N LEU A 170 29.09 0.51 -0.02
CA LEU A 170 29.24 -0.76 0.67
C LEU A 170 30.22 -1.63 -0.11
N GLU A 171 31.16 -2.24 0.60
CA GLU A 171 32.15 -3.11 -0.04
C GLU A 171 31.81 -4.58 0.12
N ASP A 172 31.95 -5.36 -0.95
CA ASP A 172 31.69 -6.80 -0.91
C ASP A 172 32.81 -7.48 -0.08
N PRO A 173 32.49 -8.51 0.72
CA PRO A 173 31.17 -9.12 0.88
C PRO A 173 30.24 -8.38 1.87
N ALA A 174 28.94 -8.28 1.53
CA ALA A 174 27.94 -7.66 2.40
C ALA A 174 27.74 -8.58 3.62
N GLN A 175 27.39 -8.02 4.79
CA GLN A 175 27.15 -8.87 5.96
C GLN A 175 25.83 -9.62 5.80
N TYR A 176 24.80 -8.93 5.28
CA TYR A 176 23.46 -9.48 5.02
C TYR A 176 22.99 -9.15 3.59
N SER A 177 22.08 -9.95 3.04
CA SER A 177 21.56 -9.68 1.70
C SER A 177 20.18 -10.25 1.48
N MET A 178 19.43 -9.63 0.58
CA MET A 178 18.15 -10.12 0.14
C MET A 178 18.19 -10.03 -1.39
N ILE A 179 18.19 -11.18 -2.04
CA ILE A 179 18.40 -11.33 -3.48
C ILE A 179 17.12 -11.57 -4.26
N GLY A 180 17.11 -11.11 -5.51
CA GLY A 180 16.02 -11.36 -6.44
C GLY A 180 14.74 -10.61 -6.22
N LEU A 181 14.81 -9.38 -5.68
CA LEU A 181 13.64 -8.55 -5.46
C LEU A 181 13.14 -7.96 -6.78
N LYS A 182 11.84 -8.08 -7.06
CA LYS A 182 11.25 -7.56 -8.30
C LYS A 182 10.02 -6.73 -7.95
N PRO A 183 9.79 -5.61 -8.64
CA PRO A 183 8.55 -4.85 -8.41
C PRO A 183 7.35 -5.53 -9.07
N ARG A 184 6.20 -5.48 -8.40
CA ARG A 184 4.95 -5.96 -9.01
C ARG A 184 4.12 -4.69 -9.39
N ARG A 185 2.93 -4.84 -10.04
CA ARG A 185 2.15 -3.66 -10.46
C ARG A 185 1.75 -2.71 -9.33
N ALA A 186 1.52 -3.23 -8.10
CA ALA A 186 1.21 -2.39 -6.96
C ALA A 186 2.39 -1.47 -6.61
N ASP A 187 3.62 -1.82 -6.98
CA ASP A 187 4.81 -0.97 -6.73
C ASP A 187 4.97 0.18 -7.74
N LEU A 188 4.18 0.21 -8.81
CA LEU A 188 4.29 1.26 -9.82
C LEU A 188 3.33 2.43 -9.55
N ASP A 189 3.65 3.62 -10.07
CA ASP A 189 2.82 4.81 -9.94
C ASP A 189 1.89 4.96 -11.19
N MET A 190 1.21 6.11 -11.35
CA MET A 190 0.33 6.34 -12.49
C MET A 190 1.08 6.43 -13.83
N ASN A 191 2.41 6.67 -13.81
CA ASN A 191 3.22 6.76 -15.04
C ASN A 191 4.02 5.47 -15.32
N GLN A 192 3.73 4.38 -14.59
CA GLN A 192 4.37 3.05 -14.68
C GLN A 192 5.81 3.01 -14.17
N HIS A 193 6.22 4.03 -13.40
CA HIS A 193 7.55 4.06 -12.80
C HIS A 193 7.47 3.46 -11.41
N VAL A 194 8.57 2.87 -10.91
CA VAL A 194 8.58 2.29 -9.58
C VAL A 194 8.47 3.44 -8.55
N ASN A 195 7.54 3.33 -7.60
CA ASN A 195 7.33 4.32 -6.54
C ASN A 195 8.59 4.40 -5.69
N ASN A 196 9.03 5.63 -5.33
CA ASN A 196 10.22 5.82 -4.49
C ASN A 196 10.17 5.11 -3.14
N VAL A 197 8.95 4.86 -2.62
CA VAL A 197 8.76 4.19 -1.33
C VAL A 197 9.15 2.71 -1.41
N THR A 198 8.99 2.07 -2.58
CA THR A 198 9.36 0.67 -2.80
C THR A 198 10.87 0.49 -2.54
N TYR A 199 11.70 1.47 -2.96
CA TYR A 199 13.14 1.38 -2.73
C TYR A 199 13.46 1.38 -1.24
N ILE A 200 12.68 2.12 -0.41
CA ILE A 200 12.84 2.11 1.05
C ILE A 200 12.56 0.69 1.55
N GLY A 201 11.46 0.09 1.07
CA GLY A 201 11.11 -1.28 1.44
C GLY A 201 12.20 -2.28 1.10
N TRP A 202 12.73 -2.20 -0.13
CA TRP A 202 13.82 -3.06 -0.59
C TRP A 202 15.08 -2.89 0.25
N VAL A 203 15.43 -1.67 0.66
CA VAL A 203 16.60 -1.44 1.51
C VAL A 203 16.43 -2.20 2.85
N LEU A 204 15.25 -2.06 3.47
CA LEU A 204 14.93 -2.68 4.75
C LEU A 204 14.81 -4.19 4.72
N GLU A 205 14.59 -4.79 3.53
CA GLU A 205 14.49 -6.25 3.37
C GLU A 205 15.76 -6.99 3.81
N SER A 206 16.95 -6.38 3.67
CA SER A 206 18.18 -7.05 4.08
C SER A 206 18.56 -6.81 5.56
N ILE A 207 17.69 -6.13 6.33
CA ILE A 207 17.90 -5.94 7.77
C ILE A 207 17.40 -7.25 8.40
N PRO A 208 18.20 -7.88 9.26
CA PRO A 208 17.74 -9.14 9.89
C PRO A 208 16.47 -8.94 10.73
N GLN A 209 15.58 -9.95 10.71
CA GLN A 209 14.33 -9.90 11.43
C GLN A 209 14.50 -9.63 12.92
N GLU A 210 15.59 -10.12 13.55
CA GLU A 210 15.87 -9.88 14.97
C GLU A 210 16.07 -8.40 15.27
N ILE A 211 16.66 -7.65 14.33
CA ILE A 211 16.83 -6.20 14.51
C ILE A 211 15.45 -5.55 14.48
N VAL A 212 14.63 -5.91 13.48
CA VAL A 212 13.27 -5.37 13.35
C VAL A 212 12.42 -5.69 14.58
N ASP A 213 12.56 -6.89 15.13
CA ASP A 213 11.82 -7.37 16.30
C ASP A 213 12.20 -6.73 17.65
N THR A 214 13.47 -6.32 17.82
CA THR A 214 13.93 -5.74 19.08
C THR A 214 14.26 -4.25 19.00
N HIS A 215 14.27 -3.66 17.81
CA HIS A 215 14.60 -2.25 17.63
C HIS A 215 13.52 -1.49 16.88
N GLU A 216 13.59 -0.15 16.95
CA GLU A 216 12.72 0.75 16.20
C GLU A 216 13.63 1.54 15.29
N LEU A 217 13.22 1.72 14.03
CA LEU A 217 13.98 2.54 13.10
C LEU A 217 13.84 4.02 13.49
N GLN A 218 14.96 4.70 13.73
CA GLN A 218 14.94 6.11 14.10
C GLN A 218 15.27 7.04 12.93
N VAL A 219 16.30 6.73 12.13
CA VAL A 219 16.69 7.59 11.00
C VAL A 219 16.94 6.71 9.78
N ILE A 220 16.57 7.21 8.59
CA ILE A 220 16.86 6.59 7.31
C ILE A 220 17.28 7.67 6.31
N THR A 221 18.48 7.55 5.74
CA THR A 221 18.96 8.47 4.72
C THR A 221 19.15 7.65 3.44
N LEU A 222 18.45 8.00 2.37
CA LEU A 222 18.50 7.24 1.14
C LEU A 222 18.85 8.13 -0.05
N ASP A 223 19.91 7.77 -0.79
CA ASP A 223 20.34 8.44 -2.02
C ASP A 223 19.78 7.64 -3.23
N TYR A 224 19.22 8.34 -4.23
CA TYR A 224 18.66 7.75 -5.44
C TYR A 224 19.60 8.03 -6.62
N ARG A 225 20.25 7.00 -7.13
CA ARG A 225 21.22 7.16 -8.22
C ARG A 225 20.66 6.82 -9.59
N ARG A 226 19.84 5.78 -9.64
CA ARG A 226 19.28 5.29 -10.88
C ARG A 226 17.94 4.65 -10.59
N GLU A 227 17.06 4.75 -11.56
CA GLU A 227 15.74 4.20 -11.48
C GLU A 227 15.70 2.69 -11.86
N CYS A 228 14.97 1.88 -11.10
CA CYS A 228 14.78 0.46 -11.39
C CYS A 228 13.57 0.38 -12.31
N GLN A 229 13.74 -0.27 -13.46
CA GLN A 229 12.65 -0.45 -14.41
C GLN A 229 11.74 -1.60 -13.98
N GLN A 230 10.51 -1.62 -14.50
CA GLN A 230 9.49 -2.64 -14.23
C GLN A 230 10.02 -4.10 -14.42
N ASP A 231 10.90 -4.32 -15.41
CA ASP A 231 11.45 -5.65 -15.66
C ASP A 231 12.87 -5.88 -15.06
N ASP A 232 13.34 -4.98 -14.18
CA ASP A 232 14.63 -5.14 -13.53
C ASP A 232 14.50 -6.02 -12.25
N VAL A 233 15.61 -6.60 -11.79
CA VAL A 233 15.68 -7.43 -10.59
C VAL A 233 16.78 -6.83 -9.72
N VAL A 234 16.48 -6.60 -8.43
CA VAL A 234 17.35 -5.92 -7.47
C VAL A 234 17.89 -6.82 -6.33
N ASP A 235 19.16 -6.61 -5.95
CA ASP A 235 19.80 -7.20 -4.80
C ASP A 235 19.94 -6.10 -3.73
N SER A 236 19.58 -6.43 -2.49
CA SER A 236 19.61 -5.55 -1.33
C SER A 236 20.73 -5.98 -0.38
N LEU A 237 21.66 -5.09 -0.06
CA LEU A 237 22.84 -5.43 0.74
C LEU A 237 22.94 -4.55 1.98
N THR A 238 23.28 -5.14 3.14
CA THR A 238 23.41 -4.44 4.42
C THR A 238 24.62 -4.92 5.20
N THR A 239 25.37 -3.99 5.79
CA THR A 239 26.50 -4.29 6.65
C THR A 239 26.37 -3.40 7.91
N THR A 240 26.58 -3.99 9.10
CA THR A 240 26.53 -3.23 10.34
C THR A 240 27.77 -2.32 10.42
N THR A 241 27.60 -1.05 10.73
CA THR A 241 28.72 -0.12 10.88
C THR A 241 28.96 0.32 12.33
N SER A 242 28.04 -0.01 13.25
CA SER A 242 28.21 0.32 14.66
C SER A 242 28.96 -0.80 15.40
N ASN A 259 24.33 0.69 22.33
CA ASN A 259 22.88 0.69 22.43
C ASN A 259 22.21 0.83 21.06
N ASP A 260 22.68 1.79 20.24
CA ASP A 260 22.10 2.00 18.93
C ASP A 260 22.77 1.12 17.87
N SER A 261 22.03 0.77 16.82
CA SER A 261 22.60 -0.01 15.72
C SER A 261 22.57 0.84 14.45
N GLN A 262 23.68 0.86 13.71
CA GLN A 262 23.77 1.60 12.45
C GLN A 262 24.13 0.63 11.35
N PHE A 263 23.55 0.84 10.18
CA PHE A 263 23.78 -0.01 9.03
C PHE A 263 24.10 0.81 7.79
N LEU A 264 24.87 0.22 6.90
CA LEU A 264 25.20 0.78 5.59
C LEU A 264 24.47 -0.10 4.57
N HIS A 265 23.78 0.53 3.61
CA HIS A 265 22.97 -0.19 2.64
C HIS A 265 23.34 0.05 1.18
N LEU A 266 23.05 -0.94 0.31
CA LEU A 266 23.28 -0.83 -1.12
C LEU A 266 22.25 -1.61 -1.93
N LEU A 267 21.56 -0.93 -2.86
CA LEU A 267 20.65 -1.59 -3.79
C LEU A 267 21.34 -1.54 -5.15
N ARG A 268 21.48 -2.68 -5.80
CA ARG A 268 22.10 -2.77 -7.12
C ARG A 268 21.35 -3.80 -7.97
N LEU A 269 21.43 -3.73 -9.32
CA LEU A 269 20.76 -4.69 -10.19
C LEU A 269 21.40 -6.07 -10.05
N SER A 270 20.61 -7.15 -9.92
CA SER A 270 21.09 -8.52 -9.68
C SER A 270 22.10 -9.02 -10.69
N GLY A 271 22.00 -8.53 -11.91
CA GLY A 271 22.88 -8.96 -12.97
C GLY A 271 24.26 -8.34 -12.92
N ASP A 272 24.39 -7.19 -13.60
CA ASP A 272 25.66 -6.48 -13.71
C ASP A 272 26.12 -5.78 -12.43
N GLY A 273 25.28 -5.70 -11.41
CA GLY A 273 25.66 -5.06 -10.16
C GLY A 273 25.64 -3.53 -10.22
N GLN A 274 24.93 -2.97 -11.23
CA GLN A 274 24.73 -1.53 -11.41
C GLN A 274 24.01 -0.92 -10.18
N GLU A 275 24.62 0.07 -9.53
CA GLU A 275 24.01 0.72 -8.36
C GLU A 275 22.73 1.50 -8.69
N ILE A 276 21.67 1.25 -7.90
CA ILE A 276 20.45 2.03 -8.05
C ILE A 276 20.31 2.96 -6.82
N ASN A 277 20.67 2.50 -5.61
CA ASN A 277 20.58 3.28 -4.38
C ASN A 277 21.68 2.91 -3.40
N ARG A 278 21.98 3.83 -2.47
CA ARG A 278 22.83 3.64 -1.30
C ARG A 278 22.18 4.41 -0.13
N GLY A 279 22.37 3.92 1.09
CA GLY A 279 21.80 4.59 2.26
C GLY A 279 22.31 4.14 3.60
N THR A 280 21.80 4.76 4.68
CA THR A 280 22.16 4.43 6.07
C THR A 280 20.88 4.40 6.92
N THR A 281 20.86 3.54 7.93
CA THR A 281 19.75 3.50 8.89
C THR A 281 20.29 3.52 10.32
N LEU A 282 19.52 4.08 11.25
CA LEU A 282 19.90 4.11 12.65
C LEU A 282 18.72 3.53 13.44
N TRP A 283 18.98 2.56 14.31
CA TRP A 283 17.92 1.90 15.06
C TRP A 283 18.15 2.02 16.57
N ARG A 284 17.06 2.12 17.34
CA ARG A 284 17.17 2.21 18.79
C ARG A 284 16.46 1.04 19.45
N LYS A 285 17.08 0.44 20.47
CA LYS A 285 16.50 -0.67 21.23
C LYS A 285 15.19 -0.23 21.88
N LYS A 286 14.13 -1.05 21.76
CA LYS A 286 12.83 -0.71 22.35
C LYS A 286 12.92 -0.72 23.88
N GLY B 2 -16.01 7.10 9.88
CA GLY B 2 -16.93 5.98 9.78
C GLY B 2 -17.84 5.83 10.98
N SER B 3 -18.96 5.12 10.81
CA SER B 3 -19.89 4.91 11.90
C SER B 3 -20.89 3.81 11.56
N LEU B 4 -21.43 3.16 12.60
CA LEU B 4 -22.54 2.20 12.43
C LEU B 4 -23.77 3.00 11.94
N THR B 5 -24.60 2.40 11.11
CA THR B 5 -25.83 3.07 10.64
C THR B 5 -26.87 3.17 11.78
N GLU B 6 -28.01 3.83 11.54
CA GLU B 6 -29.09 4.05 12.47
C GLU B 6 -29.57 2.78 13.22
N ASP B 7 -29.79 1.66 12.49
CA ASP B 7 -30.25 0.44 13.14
C ASP B 7 -29.11 -0.36 13.85
N GLY B 8 -27.85 0.05 13.64
CA GLY B 8 -26.67 -0.58 14.22
C GLY B 8 -26.29 -1.91 13.58
N LEU B 9 -26.94 -2.27 12.45
CA LEU B 9 -26.69 -3.56 11.79
C LEU B 9 -25.77 -3.50 10.54
N SER B 10 -25.18 -2.33 10.27
CA SER B 10 -24.25 -2.13 9.16
C SER B 10 -23.30 -0.94 9.47
N TYR B 11 -22.22 -0.77 8.69
CA TYR B 11 -21.24 0.28 8.96
C TYR B 11 -20.89 1.04 7.68
N LYS B 12 -20.75 2.37 7.77
CA LYS B 12 -20.40 3.18 6.60
C LYS B 12 -19.12 3.95 6.85
N GLU B 13 -18.35 4.19 5.78
CA GLU B 13 -17.14 4.98 5.86
C GLU B 13 -16.83 5.61 4.50
N LYS B 14 -16.29 6.85 4.51
CA LYS B 14 -15.91 7.56 3.29
C LYS B 14 -14.41 7.62 3.17
N PHE B 15 -13.89 7.48 1.94
CA PHE B 15 -12.46 7.48 1.69
C PHE B 15 -12.15 8.39 0.52
N VAL B 16 -11.09 9.18 0.62
CA VAL B 16 -10.67 10.03 -0.48
C VAL B 16 -9.54 9.29 -1.16
N VAL B 17 -9.66 9.03 -2.47
CA VAL B 17 -8.65 8.25 -3.22
C VAL B 17 -7.28 8.99 -3.25
N ARG B 18 -6.21 8.30 -2.85
CA ARG B 18 -4.84 8.86 -2.78
C ARG B 18 -4.03 8.71 -4.05
N SER B 19 -3.07 9.61 -4.25
CA SER B 19 -2.16 9.64 -5.41
C SER B 19 -1.43 8.33 -5.64
N TYR B 20 -0.92 7.70 -4.57
CA TYR B 20 -0.20 6.43 -4.74
C TYR B 20 -1.13 5.21 -4.88
N GLU B 21 -2.42 5.38 -4.68
CA GLU B 21 -3.42 4.31 -4.74
C GLU B 21 -3.96 4.04 -6.15
N VAL B 22 -3.63 4.92 -7.12
CA VAL B 22 -4.15 4.81 -8.49
C VAL B 22 -3.18 4.20 -9.48
N GLY B 23 -3.73 3.64 -10.56
CA GLY B 23 -2.96 3.03 -11.64
C GLY B 23 -2.73 3.97 -12.81
N SER B 24 -2.38 3.42 -13.99
CA SER B 24 -2.08 4.20 -15.21
C SER B 24 -3.27 5.01 -15.75
N ASN B 25 -4.49 4.58 -15.45
CA ASN B 25 -5.71 5.30 -15.85
C ASN B 25 -6.12 6.44 -14.85
N LYS B 26 -5.28 6.69 -13.83
CA LYS B 26 -5.54 7.69 -12.78
C LYS B 26 -6.78 7.35 -11.92
N THR B 27 -7.14 6.04 -11.86
CA THR B 27 -8.23 5.53 -11.03
C THR B 27 -7.68 4.44 -10.07
N ALA B 28 -8.38 4.20 -8.95
CA ALA B 28 -7.96 3.23 -7.94
C ALA B 28 -7.77 1.82 -8.49
N THR B 29 -6.71 1.13 -8.04
CA THR B 29 -6.47 -0.25 -8.46
C THR B 29 -7.43 -1.18 -7.70
N VAL B 30 -7.59 -2.42 -8.17
CA VAL B 30 -8.41 -3.41 -7.45
C VAL B 30 -7.79 -3.74 -6.08
N GLU B 31 -6.46 -3.57 -5.92
CA GLU B 31 -5.80 -3.80 -4.64
C GLU B 31 -6.11 -2.68 -3.67
N THR B 32 -6.22 -1.42 -4.15
CA THR B 32 -6.63 -0.30 -3.33
C THR B 32 -8.09 -0.53 -2.86
N ILE B 33 -8.97 -0.99 -3.78
CA ILE B 33 -10.35 -1.29 -3.42
C ILE B 33 -10.40 -2.35 -2.31
N ALA B 34 -9.75 -3.50 -2.53
CA ALA B 34 -9.68 -4.59 -1.55
C ALA B 34 -9.11 -4.17 -0.18
N ASN B 35 -8.11 -3.26 -0.15
CA ASN B 35 -7.53 -2.72 1.08
C ASN B 35 -8.60 -1.91 1.84
N LEU B 36 -9.38 -1.07 1.12
CA LEU B 36 -10.45 -0.25 1.68
C LEU B 36 -11.59 -1.12 2.22
N LEU B 37 -11.92 -2.23 1.53
CA LEU B 37 -12.95 -3.16 2.04
C LEU B 37 -12.47 -3.77 3.37
N GLN B 38 -11.18 -4.17 3.45
CA GLN B 38 -10.66 -4.74 4.69
C GLN B 38 -10.60 -3.67 5.81
N GLU B 39 -10.26 -2.39 5.46
CA GLU B 39 -10.24 -1.28 6.42
C GLU B 39 -11.61 -1.00 7.03
N VAL B 40 -12.66 -0.95 6.19
CA VAL B 40 -14.01 -0.69 6.69
C VAL B 40 -14.54 -1.90 7.49
N GLY B 41 -14.15 -3.11 7.09
CA GLY B 41 -14.49 -4.33 7.82
C GLY B 41 -13.89 -4.31 9.23
N CYS B 42 -12.61 -3.91 9.33
N CYS B 42 -12.62 -3.90 9.31
N CYS B 42 -12.61 -3.91 9.33
CA CYS B 42 -11.93 -3.82 10.62
CA CYS B 42 -11.90 -3.80 10.56
CA CYS B 42 -11.93 -3.82 10.62
C CYS B 42 -12.54 -2.75 11.50
C CYS B 42 -12.53 -2.75 11.48
C CYS B 42 -12.54 -2.74 11.51
N ASN B 43 -12.96 -1.62 10.91
CA ASN B 43 -13.59 -0.54 11.68
C ASN B 43 -15.00 -0.95 12.18
N HIS B 44 -15.71 -1.82 11.44
CA HIS B 44 -17.00 -2.34 11.85
C HIS B 44 -16.78 -3.28 13.08
N ALA B 45 -15.75 -4.15 13.04
CA ALA B 45 -15.41 -5.05 14.15
C ALA B 45 -15.04 -4.23 15.42
N GLN B 46 -14.26 -3.16 15.24
CA GLN B 46 -13.86 -2.31 16.37
C GLN B 46 -15.05 -1.62 17.03
N SER B 47 -15.96 -1.07 16.22
CA SER B 47 -17.11 -0.33 16.75
C SER B 47 -18.05 -1.15 17.61
N VAL B 48 -18.01 -2.48 17.51
CA VAL B 48 -18.87 -3.34 18.31
C VAL B 48 -18.09 -4.25 19.28
N GLY B 49 -16.83 -3.92 19.57
CA GLY B 49 -16.03 -4.64 20.55
C GLY B 49 -15.30 -5.90 20.15
N PHE B 50 -15.36 -6.31 18.88
CA PHE B 50 -14.65 -7.50 18.43
C PHE B 50 -13.14 -7.24 18.30
N SER B 51 -12.36 -8.31 18.10
CA SER B 51 -10.93 -8.27 17.89
C SER B 51 -10.49 -7.26 16.83
N THR B 52 -9.32 -6.67 17.10
CA THR B 52 -8.65 -5.65 16.30
C THR B 52 -7.99 -6.25 15.03
N ASP B 53 -7.27 -7.36 15.16
CA ASP B 53 -6.63 -8.00 14.01
C ASP B 53 -7.67 -8.37 12.90
N GLY B 54 -7.23 -8.97 11.80
CA GLY B 54 -8.14 -9.34 10.73
C GLY B 54 -8.89 -10.63 11.02
N PHE B 55 -9.12 -10.96 12.31
CA PHE B 55 -9.80 -12.22 12.65
C PHE B 55 -11.17 -12.07 13.34
N ALA B 56 -11.62 -10.84 13.70
CA ALA B 56 -12.93 -10.56 14.33
C ALA B 56 -13.39 -11.58 15.39
N THR B 57 -12.49 -11.98 16.28
CA THR B 57 -12.75 -12.96 17.33
C THR B 57 -13.43 -12.38 18.58
N THR B 58 -14.18 -13.23 19.31
CA THR B 58 -14.74 -12.89 20.63
C THR B 58 -13.74 -13.39 21.70
N THR B 59 -13.86 -12.97 22.98
CA THR B 59 -13.01 -13.46 24.07
C THR B 59 -13.12 -15.01 24.20
N THR B 60 -14.28 -15.59 23.80
CA THR B 60 -14.48 -17.04 23.83
C THR B 60 -13.61 -17.71 22.77
N MET B 61 -13.56 -17.13 21.55
CA MET B 61 -12.71 -17.65 20.47
C MET B 61 -11.24 -17.52 20.84
N ARG B 62 -10.85 -16.41 21.48
CA ARG B 62 -9.45 -16.18 21.88
C ARG B 62 -8.94 -17.23 22.88
N LYS B 63 -9.82 -17.70 23.78
CA LYS B 63 -9.45 -18.71 24.77
C LYS B 63 -9.19 -20.06 24.07
N LEU B 64 -10.01 -20.40 23.07
CA LEU B 64 -9.87 -21.64 22.33
C LEU B 64 -8.93 -21.54 21.12
N HIS B 65 -8.20 -20.42 20.98
CA HIS B 65 -7.29 -20.16 19.85
C HIS B 65 -8.00 -20.31 18.51
N LEU B 66 -9.23 -19.79 18.42
CA LEU B 66 -10.05 -19.86 17.21
C LEU B 66 -10.04 -18.52 16.49
N ILE B 67 -9.94 -18.55 15.15
CA ILE B 67 -9.95 -17.36 14.29
C ILE B 67 -10.90 -17.54 13.11
N TRP B 68 -11.38 -16.42 12.57
CA TRP B 68 -12.16 -16.40 11.34
C TRP B 68 -11.19 -16.20 10.19
N VAL B 69 -11.29 -16.99 9.15
CA VAL B 69 -10.38 -16.93 8.00
C VAL B 69 -11.17 -16.80 6.69
N THR B 70 -10.65 -16.02 5.74
CA THR B 70 -11.32 -15.86 4.45
C THR B 70 -11.16 -17.13 3.62
N ALA B 71 -12.27 -17.72 3.19
CA ALA B 71 -12.27 -18.88 2.31
C ALA B 71 -12.41 -18.40 0.85
N ARG B 72 -13.17 -17.33 0.61
CA ARG B 72 -13.43 -16.83 -0.73
C ARG B 72 -13.71 -15.32 -0.72
N MET B 73 -13.18 -14.60 -1.72
CA MET B 73 -13.43 -13.17 -1.92
C MET B 73 -13.97 -12.95 -3.37
N HIS B 74 -15.03 -12.16 -3.54
CA HIS B 74 -15.61 -11.89 -4.85
C HIS B 74 -15.87 -10.39 -4.99
N ILE B 75 -15.22 -9.73 -5.95
CA ILE B 75 -15.38 -8.31 -6.15
C ILE B 75 -15.85 -7.97 -7.59
N GLU B 76 -16.82 -7.07 -7.72
N GLU B 76 -16.82 -7.06 -7.72
N GLU B 76 -16.82 -7.07 -7.72
CA GLU B 76 -17.29 -6.62 -9.02
CA GLU B 76 -17.33 -6.64 -9.02
CA GLU B 76 -17.29 -6.63 -9.02
C GLU B 76 -17.26 -5.11 -9.08
C GLU B 76 -17.30 -5.11 -9.11
C GLU B 76 -17.27 -5.11 -9.09
N ILE B 77 -16.47 -4.54 -9.98
CA ILE B 77 -16.36 -3.08 -10.12
C ILE B 77 -16.95 -2.57 -11.45
N TYR B 78 -17.87 -1.58 -11.38
CA TYR B 78 -18.49 -0.93 -12.55
C TYR B 78 -17.69 0.30 -12.90
N LYS B 79 -17.31 1.10 -11.90
CA LYS B 79 -16.49 2.30 -12.10
C LYS B 79 -15.44 2.40 -10.99
N TYR B 80 -14.16 2.50 -11.38
CA TYR B 80 -13.10 2.67 -10.41
C TYR B 80 -13.02 4.14 -10.03
N PRO B 81 -13.02 4.49 -8.73
CA PRO B 81 -12.99 5.92 -8.36
C PRO B 81 -11.72 6.63 -8.82
N ALA B 82 -11.85 7.87 -9.29
CA ALA B 82 -10.69 8.64 -9.74
C ALA B 82 -9.91 9.19 -8.53
N TRP B 83 -8.66 9.56 -8.74
CA TRP B 83 -7.83 10.13 -7.70
C TRP B 83 -8.42 11.47 -7.24
N GLY B 84 -8.62 11.60 -5.93
CA GLY B 84 -9.24 12.79 -5.37
C GLY B 84 -10.73 12.61 -5.12
N ASP B 85 -11.36 11.58 -5.71
CA ASP B 85 -12.78 11.32 -5.53
C ASP B 85 -13.06 10.70 -4.15
N VAL B 86 -14.27 10.91 -3.65
CA VAL B 86 -14.69 10.32 -2.38
C VAL B 86 -15.56 9.11 -2.70
N VAL B 87 -15.24 7.97 -2.10
CA VAL B 87 -16.03 6.77 -2.26
C VAL B 87 -16.62 6.39 -0.87
N GLU B 88 -17.92 6.05 -0.82
CA GLU B 88 -18.52 5.62 0.43
C GLU B 88 -18.75 4.11 0.36
N ILE B 89 -18.33 3.38 1.40
CA ILE B 89 -18.49 1.93 1.45
C ILE B 89 -19.39 1.54 2.63
N GLU B 90 -20.44 0.75 2.36
CA GLU B 90 -21.29 0.22 3.42
C GLU B 90 -21.04 -1.30 3.54
N THR B 91 -20.79 -1.78 4.76
CA THR B 91 -20.51 -3.18 5.00
C THR B 91 -21.39 -3.77 6.11
N TRP B 92 -21.67 -5.07 5.98
CA TRP B 92 -22.46 -5.78 6.96
C TRP B 92 -22.05 -7.25 6.96
N CYS B 93 -22.33 -7.91 8.06
CA CYS B 93 -22.01 -9.31 8.21
C CYS B 93 -23.31 -10.12 8.38
N GLN B 94 -23.30 -11.37 7.92
CA GLN B 94 -24.46 -12.24 8.05
C GLN B 94 -24.08 -13.66 8.39
N SER B 95 -24.86 -14.30 9.27
CA SER B 95 -24.64 -15.67 9.64
C SER B 95 -25.13 -16.57 8.50
N GLU B 96 -24.43 -17.66 8.26
CA GLU B 96 -24.82 -18.63 7.26
C GLU B 96 -24.92 -20.00 7.93
N GLY B 97 -25.58 -20.04 9.09
CA GLY B 97 -25.76 -21.26 9.87
C GLY B 97 -24.45 -21.77 10.41
N ARG B 98 -24.22 -23.08 10.32
CA ARG B 98 -22.99 -23.68 10.82
C ARG B 98 -21.84 -23.68 9.80
N ILE B 99 -22.07 -23.20 8.58
CA ILE B 99 -21.00 -23.13 7.58
C ILE B 99 -20.01 -22.03 7.98
N GLY B 100 -20.52 -20.89 8.36
CA GLY B 100 -19.70 -19.75 8.77
C GLY B 100 -20.43 -18.45 8.60
N THR B 101 -19.70 -17.41 8.28
CA THR B 101 -20.26 -16.09 8.09
C THR B 101 -19.96 -15.54 6.68
N ARG B 102 -20.63 -14.46 6.32
CA ARG B 102 -20.43 -13.80 5.06
C ARG B 102 -20.34 -12.29 5.31
N ARG B 103 -19.33 -11.62 4.70
CA ARG B 103 -19.27 -10.17 4.83
C ARG B 103 -19.53 -9.59 3.46
N ASP B 104 -20.45 -8.63 3.37
CA ASP B 104 -20.78 -7.98 2.10
C ASP B 104 -20.45 -6.50 2.10
N TRP B 105 -20.20 -5.94 0.92
CA TRP B 105 -19.89 -4.54 0.77
C TRP B 105 -20.62 -3.95 -0.44
N ILE B 106 -20.93 -2.64 -0.36
CA ILE B 106 -21.50 -1.88 -1.47
C ILE B 106 -20.66 -0.60 -1.55
N LEU B 107 -20.11 -0.32 -2.74
N LEU B 107 -20.11 -0.32 -2.74
N LEU B 107 -20.11 -0.32 -2.74
CA LEU B 107 -19.31 0.87 -2.95
CA LEU B 107 -19.31 0.88 -2.94
CA LEU B 107 -19.31 0.87 -2.96
C LEU B 107 -20.15 1.88 -3.72
C LEU B 107 -20.14 1.89 -3.73
C LEU B 107 -20.15 1.88 -3.73
N LYS B 108 -20.14 3.15 -3.29
CA LYS B 108 -20.90 4.19 -3.96
C LYS B 108 -20.07 5.43 -4.22
N ASP B 109 -20.41 6.15 -5.29
CA ASP B 109 -19.78 7.43 -5.57
C ASP B 109 -20.46 8.39 -4.57
N SER B 110 -19.68 9.08 -3.74
CA SER B 110 -20.23 9.98 -2.73
C SER B 110 -20.95 11.19 -3.38
N VAL B 111 -20.52 11.61 -4.58
CA VAL B 111 -21.15 12.75 -5.26
C VAL B 111 -22.46 12.35 -5.97
N THR B 112 -22.45 11.26 -6.76
CA THR B 112 -23.64 10.86 -7.51
C THR B 112 -24.61 9.95 -6.72
N GLY B 113 -24.08 9.22 -5.75
CA GLY B 113 -24.86 8.26 -4.97
C GLY B 113 -25.09 6.92 -5.66
N GLU B 114 -24.49 6.73 -6.84
CA GLU B 114 -24.67 5.49 -7.59
C GLU B 114 -23.73 4.37 -7.16
N VAL B 115 -24.21 3.13 -7.29
CA VAL B 115 -23.43 1.94 -6.95
C VAL B 115 -22.33 1.78 -7.99
N THR B 116 -21.07 1.89 -7.56
CA THR B 116 -19.92 1.75 -8.46
C THR B 116 -19.21 0.38 -8.32
N GLY B 117 -19.58 -0.38 -7.30
CA GLY B 117 -19.01 -1.69 -7.07
C GLY B 117 -19.70 -2.45 -5.95
N ARG B 118 -19.44 -3.74 -5.86
N ARG B 118 -19.44 -3.75 -5.87
N ARG B 118 -19.43 -3.74 -5.85
CA ARG B 118 -19.99 -4.58 -4.80
CA ARG B 118 -19.99 -4.58 -4.80
CA ARG B 118 -19.99 -4.58 -4.80
C ARG B 118 -19.08 -5.77 -4.51
C ARG B 118 -19.08 -5.77 -4.51
C ARG B 118 -19.07 -5.76 -4.51
N ALA B 119 -19.08 -6.25 -3.26
CA ALA B 119 -18.22 -7.36 -2.88
C ALA B 119 -18.85 -8.28 -1.85
N THR B 120 -18.42 -9.54 -1.87
CA THR B 120 -18.89 -10.54 -0.93
C THR B 120 -17.72 -11.44 -0.54
N SER B 121 -17.72 -11.94 0.69
CA SER B 121 -16.66 -12.81 1.16
C SER B 121 -17.19 -13.89 2.09
N LYS B 122 -16.65 -15.11 2.00
CA LYS B 122 -17.05 -16.21 2.85
C LYS B 122 -15.97 -16.49 3.91
N TRP B 123 -16.37 -16.57 5.17
CA TRP B 123 -15.44 -16.79 6.26
C TRP B 123 -15.75 -18.09 6.97
N VAL B 124 -14.71 -18.83 7.35
CA VAL B 124 -14.82 -20.11 8.07
C VAL B 124 -14.02 -20.04 9.39
N MET B 125 -14.43 -20.83 10.36
CA MET B 125 -13.82 -20.84 11.68
C MET B 125 -12.73 -21.91 11.71
N MET B 126 -11.54 -21.56 12.24
CA MET B 126 -10.45 -22.52 12.32
C MET B 126 -9.54 -22.30 13.55
N ASN B 127 -8.77 -23.34 13.92
CA ASN B 127 -7.83 -23.22 15.02
C ASN B 127 -6.59 -22.56 14.45
N GLN B 128 -6.10 -21.48 15.05
CA GLN B 128 -4.93 -20.73 14.52
C GLN B 128 -3.62 -21.52 14.51
N ASP B 129 -3.48 -22.49 15.41
CA ASP B 129 -2.24 -23.25 15.53
C ASP B 129 -2.23 -24.48 14.65
N THR B 130 -3.30 -25.25 14.71
CA THR B 130 -3.52 -26.55 14.10
C THR B 130 -4.06 -26.44 12.64
N ARG B 131 -4.70 -25.30 12.30
CA ARG B 131 -5.27 -24.98 10.99
C ARG B 131 -6.50 -25.83 10.63
N ARG B 132 -7.14 -26.47 11.61
CA ARG B 132 -8.31 -27.30 11.35
C ARG B 132 -9.61 -26.53 11.43
N LEU B 133 -10.50 -26.76 10.46
CA LEU B 133 -11.79 -26.12 10.39
C LEU B 133 -12.76 -26.70 11.40
N GLN B 134 -13.72 -25.90 11.84
CA GLN B 134 -14.77 -26.30 12.78
C GLN B 134 -16.09 -25.62 12.36
N LYS B 135 -17.21 -26.33 12.50
CA LYS B 135 -18.50 -25.78 12.10
C LYS B 135 -19.24 -25.00 13.21
N VAL B 136 -18.81 -23.75 13.48
CA VAL B 136 -19.39 -22.80 14.46
C VAL B 136 -20.09 -23.49 15.68
N SER B 137 -19.54 -23.30 16.89
CA SER B 137 -19.96 -24.02 18.11
C SER B 137 -21.28 -23.60 18.81
N ASP B 138 -22.22 -22.90 18.12
CA ASP B 138 -23.54 -22.49 18.66
C ASP B 138 -23.45 -21.35 19.70
N ASP B 139 -22.60 -21.48 20.72
CA ASP B 139 -22.37 -20.43 21.70
C ASP B 139 -21.69 -19.23 21.03
N VAL B 140 -20.82 -19.48 20.01
CA VAL B 140 -20.13 -18.45 19.24
C VAL B 140 -21.12 -17.71 18.35
N ARG B 141 -22.07 -18.45 17.74
CA ARG B 141 -23.12 -17.89 16.89
C ARG B 141 -23.88 -16.76 17.58
N ASP B 142 -24.37 -17.00 18.81
CA ASP B 142 -25.12 -16.01 19.58
C ASP B 142 -24.39 -14.69 19.76
N GLU B 143 -23.06 -14.76 19.92
CA GLU B 143 -22.21 -13.59 20.13
C GLU B 143 -22.13 -12.63 18.94
N TYR B 144 -22.17 -13.14 17.69
CA TYR B 144 -22.09 -12.25 16.53
C TYR B 144 -23.46 -11.96 15.88
N LEU B 145 -24.50 -12.77 16.19
CA LEU B 145 -25.84 -12.63 15.64
C LEU B 145 -26.53 -11.30 15.97
N VAL B 146 -26.23 -10.72 17.13
CA VAL B 146 -26.83 -9.45 17.53
C VAL B 146 -26.28 -8.23 16.73
N PHE B 147 -25.25 -8.44 15.91
CA PHE B 147 -24.63 -7.41 15.07
C PHE B 147 -24.93 -7.59 13.57
N CYS B 148 -25.78 -8.56 13.22
CA CYS B 148 -26.10 -8.93 11.87
C CYS B 148 -27.58 -8.74 11.58
N PRO B 149 -27.96 -8.31 10.36
CA PRO B 149 -29.40 -8.32 10.02
C PRO B 149 -29.91 -9.78 10.01
N GLN B 150 -31.08 -10.04 10.58
CA GLN B 150 -31.60 -11.42 10.64
C GLN B 150 -32.22 -11.85 9.29
N GLU B 151 -32.98 -10.96 8.62
CA GLU B 151 -33.49 -11.27 7.27
C GLU B 151 -32.31 -11.17 6.29
N PRO B 152 -32.32 -11.93 5.18
CA PRO B 152 -31.19 -11.85 4.24
C PRO B 152 -31.05 -10.47 3.61
N ARG B 153 -29.79 -10.06 3.46
CA ARG B 153 -29.37 -8.81 2.85
C ARG B 153 -28.12 -9.19 2.03
N LEU B 154 -28.34 -9.47 0.74
CA LEU B 154 -27.26 -9.93 -0.13
C LEU B 154 -26.78 -8.85 -1.06
N ALA B 155 -25.45 -8.63 -1.10
CA ALA B 155 -24.88 -7.72 -2.09
C ALA B 155 -25.03 -8.32 -3.50
N PHE B 156 -25.09 -9.67 -3.63
CA PHE B 156 -25.27 -10.35 -4.91
C PHE B 156 -26.52 -11.22 -4.80
N PRO B 157 -27.71 -10.62 -4.96
CA PRO B 157 -28.94 -11.40 -4.81
C PRO B 157 -29.19 -12.44 -5.90
N GLU B 158 -29.06 -12.08 -7.18
CA GLU B 158 -29.28 -12.92 -8.38
C GLU B 158 -29.25 -14.47 -8.16
N GLU B 159 -30.26 -15.18 -8.69
CA GLU B 159 -30.33 -16.64 -8.52
C GLU B 159 -29.61 -17.37 -9.64
N ASN B 160 -28.26 -17.50 -9.51
CA ASN B 160 -27.24 -18.13 -10.39
C ASN B 160 -26.14 -17.09 -10.68
N ASN B 161 -25.72 -16.34 -9.65
CA ASN B 161 -24.70 -15.29 -9.76
C ASN B 161 -23.27 -15.83 -9.68
N ARG B 162 -22.30 -15.04 -10.20
CA ARG B 162 -20.87 -15.37 -10.29
C ARG B 162 -20.15 -15.62 -8.96
N SER B 163 -20.63 -15.02 -7.86
CA SER B 163 -19.98 -15.11 -6.55
C SER B 163 -19.97 -16.49 -5.93
N LEU B 164 -20.84 -17.39 -6.40
CA LEU B 164 -20.99 -18.74 -5.85
C LEU B 164 -20.63 -19.85 -6.87
N LYS B 165 -19.90 -19.50 -7.94
CA LYS B 165 -19.54 -20.48 -8.96
C LYS B 165 -18.35 -21.34 -8.54
N LYS B 166 -18.36 -22.62 -8.90
CA LYS B 166 -17.26 -23.53 -8.60
C LYS B 166 -16.07 -23.18 -9.55
N ILE B 167 -14.85 -23.04 -9.00
CA ILE B 167 -13.67 -22.70 -9.81
C ILE B 167 -12.80 -23.95 -10.05
N PRO B 168 -12.52 -24.28 -11.33
CA PRO B 168 -11.69 -25.46 -11.59
C PRO B 168 -10.18 -25.24 -11.44
N LYS B 169 -9.41 -26.33 -11.38
CA LYS B 169 -7.97 -26.24 -11.25
C LYS B 169 -7.30 -26.16 -12.64
N LEU B 170 -6.49 -25.12 -12.85
CA LEU B 170 -5.73 -24.84 -14.07
C LEU B 170 -4.84 -26.04 -14.38
N GLU B 171 -4.83 -26.48 -15.63
CA GLU B 171 -3.98 -27.61 -16.02
C GLU B 171 -2.71 -27.14 -16.73
N ASP B 172 -1.57 -27.76 -16.40
CA ASP B 172 -0.31 -27.44 -17.05
C ASP B 172 -0.34 -27.96 -18.52
N PRO B 173 0.24 -27.22 -19.48
CA PRO B 173 0.98 -25.97 -19.30
C PRO B 173 0.08 -24.71 -19.23
N ALA B 174 0.43 -23.78 -18.34
CA ALA B 174 -0.28 -22.50 -18.21
C ALA B 174 0.01 -21.67 -19.46
N GLN B 175 -0.93 -20.81 -19.89
CA GLN B 175 -0.68 -19.97 -21.06
C GLN B 175 0.32 -18.87 -20.72
N TYR B 176 0.18 -18.27 -19.53
CA TYR B 176 1.06 -17.22 -19.01
C TYR B 176 1.51 -17.55 -17.57
N SER B 177 2.65 -16.99 -17.15
CA SER B 177 3.14 -17.24 -15.80
C SER B 177 4.04 -16.13 -15.28
N MET B 178 4.08 -15.96 -13.96
CA MET B 178 4.97 -15.04 -13.31
C MET B 178 5.56 -15.84 -12.14
N ILE B 179 6.83 -16.20 -12.22
CA ILE B 179 7.43 -17.07 -11.23
C ILE B 179 8.39 -16.35 -10.28
N GLY B 180 8.60 -16.96 -9.12
CA GLY B 180 9.50 -16.43 -8.10
C GLY B 180 9.01 -15.25 -7.31
N LEU B 181 7.69 -15.11 -7.13
CA LEU B 181 7.10 -14.03 -6.33
C LEU B 181 7.30 -14.29 -4.82
N LYS B 182 7.81 -13.30 -4.10
CA LYS B 182 8.05 -13.43 -2.66
C LYS B 182 7.44 -12.22 -1.94
N PRO B 183 6.82 -12.43 -0.77
CA PRO B 183 6.33 -11.29 -0.01
C PRO B 183 7.47 -10.54 0.70
N ARG B 184 7.37 -9.21 0.75
CA ARG B 184 8.32 -8.41 1.53
C ARG B 184 7.59 -7.94 2.83
N ARG B 185 8.26 -7.24 3.77
CA ARG B 185 7.60 -6.83 5.03
C ARG B 185 6.35 -5.98 4.86
N ALA B 186 6.30 -5.13 3.80
CA ALA B 186 5.11 -4.33 3.51
C ALA B 186 3.90 -5.22 3.18
N ASP B 187 4.12 -6.46 2.71
CA ASP B 187 3.01 -7.39 2.41
C ASP B 187 2.43 -8.09 3.65
N LEU B 188 3.06 -7.94 4.82
CA LEU B 188 2.59 -8.60 6.03
C LEU B 188 1.67 -7.70 6.85
N ASP B 189 0.80 -8.30 7.68
CA ASP B 189 -0.10 -7.58 8.57
C ASP B 189 0.53 -7.40 9.98
N MET B 190 -0.25 -6.97 10.98
CA MET B 190 0.27 -6.78 12.34
C MET B 190 0.65 -8.10 13.03
N ASN B 191 0.15 -9.25 12.54
CA ASN B 191 0.47 -10.57 13.11
C ASN B 191 1.53 -11.33 12.30
N GLN B 192 2.21 -10.66 11.35
CA GLN B 192 3.26 -11.19 10.47
C GLN B 192 2.76 -12.18 9.42
N HIS B 193 1.44 -12.21 9.16
CA HIS B 193 0.85 -13.06 8.14
C HIS B 193 0.75 -12.26 6.85
N VAL B 194 0.80 -12.94 5.70
CA VAL B 194 0.68 -12.24 4.42
C VAL B 194 -0.75 -11.69 4.28
N ASN B 195 -0.89 -10.40 3.94
CA ASN B 195 -2.19 -9.75 3.76
C ASN B 195 -2.92 -10.42 2.60
N ASN B 196 -4.24 -10.67 2.73
CA ASN B 196 -5.03 -11.30 1.67
C ASN B 196 -5.02 -10.55 0.35
N VAL B 197 -4.80 -9.22 0.39
CA VAL B 197 -4.77 -8.38 -0.80
C VAL B 197 -3.52 -8.68 -1.66
N THR B 198 -2.40 -9.09 -1.03
CA THR B 198 -1.16 -9.46 -1.75
C THR B 198 -1.44 -10.62 -2.71
N TYR B 199 -2.27 -11.60 -2.28
CA TYR B 199 -2.61 -12.73 -3.17
C TYR B 199 -3.34 -12.26 -4.41
N ILE B 200 -4.20 -11.21 -4.29
CA ILE B 200 -4.89 -10.61 -5.44
C ILE B 200 -3.84 -10.04 -6.39
N GLY B 201 -2.86 -9.31 -5.85
CA GLY B 201 -1.77 -8.76 -6.64
C GLY B 201 -0.99 -9.82 -7.40
N TRP B 202 -0.61 -10.88 -6.68
CA TRP B 202 0.11 -12.02 -7.26
C TRP B 202 -0.68 -12.71 -8.38
N VAL B 203 -2.00 -12.86 -8.23
CA VAL B 203 -2.83 -13.45 -9.29
C VAL B 203 -2.75 -12.60 -10.57
N LEU B 204 -2.92 -11.26 -10.41
CA LEU B 204 -2.89 -10.32 -11.52
C LEU B 204 -1.53 -10.16 -12.20
N GLU B 205 -0.42 -10.55 -11.53
CA GLU B 205 0.91 -10.46 -12.09
C GLU B 205 1.10 -11.30 -13.37
N SER B 206 0.38 -12.43 -13.49
CA SER B 206 0.51 -13.26 -14.70
C SER B 206 -0.46 -12.85 -15.84
N ILE B 207 -1.21 -11.75 -15.67
CA ILE B 207 -2.06 -11.22 -16.74
C ILE B 207 -1.13 -10.41 -17.63
N PRO B 208 -1.15 -10.63 -18.95
CA PRO B 208 -0.25 -9.85 -19.83
C PRO B 208 -0.53 -8.35 -19.78
N GLN B 209 0.54 -7.55 -19.87
CA GLN B 209 0.44 -6.10 -19.81
C GLN B 209 -0.52 -5.52 -20.86
N GLU B 210 -0.61 -6.12 -22.05
CA GLU B 210 -1.53 -5.65 -23.09
C GLU B 210 -2.99 -5.76 -22.66
N ILE B 211 -3.34 -6.78 -21.87
CA ILE B 211 -4.70 -6.90 -21.35
C ILE B 211 -4.95 -5.76 -20.37
N VAL B 212 -4.01 -5.52 -19.45
CA VAL B 212 -4.12 -4.45 -18.46
C VAL B 212 -4.24 -3.08 -19.14
N ASP B 213 -3.47 -2.86 -20.21
CA ASP B 213 -3.44 -1.61 -20.97
C ASP B 213 -4.68 -1.30 -21.82
N THR B 214 -5.39 -2.33 -22.32
CA THR B 214 -6.57 -2.14 -23.16
C THR B 214 -7.90 -2.54 -22.51
N HIS B 215 -7.87 -3.17 -21.34
CA HIS B 215 -9.07 -3.63 -20.64
C HIS B 215 -9.15 -3.10 -19.21
N GLU B 216 -10.35 -3.19 -18.63
CA GLU B 216 -10.60 -2.87 -17.24
C GLU B 216 -11.06 -4.15 -16.57
N LEU B 217 -10.56 -4.44 -15.37
CA LEU B 217 -11.00 -5.60 -14.62
C LEU B 217 -12.43 -5.35 -14.10
N GLN B 218 -13.36 -6.25 -14.45
CA GLN B 218 -14.74 -6.12 -14.01
C GLN B 218 -15.08 -7.03 -12.83
N VAL B 219 -14.68 -8.31 -12.87
CA VAL B 219 -14.99 -9.26 -11.79
C VAL B 219 -13.73 -10.04 -11.44
N ILE B 220 -13.54 -10.34 -10.14
CA ILE B 220 -12.46 -11.19 -9.64
C ILE B 220 -13.04 -12.11 -8.56
N THR B 221 -12.92 -13.43 -8.74
CA THR B 221 -13.36 -14.41 -7.74
C THR B 221 -12.11 -15.16 -7.30
N LEU B 222 -11.77 -15.10 -6.03
CA LEU B 222 -10.57 -15.73 -5.52
C LEU B 222 -10.86 -16.68 -4.35
N ASP B 223 -10.45 -17.94 -4.46
CA ASP B 223 -10.55 -18.96 -3.43
C ASP B 223 -9.20 -19.05 -2.69
N TYR B 224 -9.22 -19.10 -1.35
CA TYR B 224 -8.03 -19.17 -0.48
C TYR B 224 -7.91 -20.58 0.10
N ARG B 225 -6.93 -21.36 -0.34
CA ARG B 225 -6.79 -22.75 0.10
C ARG B 225 -5.78 -22.95 1.22
N ARG B 226 -4.67 -22.21 1.16
CA ARG B 226 -3.59 -22.33 2.11
C ARG B 226 -2.86 -20.99 2.22
N GLU B 227 -2.29 -20.70 3.39
CA GLU B 227 -1.53 -19.48 3.58
C GLU B 227 -0.12 -19.59 3.02
N CYS B 228 0.38 -18.51 2.44
CA CYS B 228 1.76 -18.43 1.99
C CYS B 228 2.51 -17.83 3.21
N GLN B 229 3.55 -18.53 3.67
CA GLN B 229 4.35 -18.06 4.78
C GLN B 229 5.32 -16.96 4.29
N GLN B 230 5.88 -16.19 5.23
CA GLN B 230 6.85 -15.11 4.98
C GLN B 230 8.08 -15.60 4.14
N ASP B 231 8.54 -16.85 4.36
CA ASP B 231 9.69 -17.37 3.62
C ASP B 231 9.31 -18.30 2.43
N ASP B 232 8.02 -18.31 2.01
CA ASP B 232 7.60 -19.09 0.86
C ASP B 232 7.80 -18.28 -0.47
N VAL B 233 7.87 -18.99 -1.60
CA VAL B 233 8.04 -18.41 -2.93
C VAL B 233 6.90 -18.95 -3.78
N VAL B 234 6.17 -18.07 -4.47
CA VAL B 234 4.98 -18.37 -5.24
C VAL B 234 5.12 -18.22 -6.77
N ASP B 235 4.47 -19.15 -7.53
CA ASP B 235 4.34 -19.09 -8.98
C ASP B 235 2.88 -18.73 -9.29
N SER B 236 2.67 -17.79 -10.21
CA SER B 236 1.36 -17.28 -10.61
C SER B 236 1.06 -17.74 -12.04
N LEU B 237 -0.05 -18.44 -12.25
CA LEU B 237 -0.37 -19.04 -13.55
C LEU B 237 -1.72 -18.55 -14.06
N THR B 238 -1.81 -18.23 -15.37
CA THR B 238 -3.02 -17.73 -16.02
C THR B 238 -3.21 -18.38 -17.38
N THR B 239 -4.45 -18.76 -17.70
CA THR B 239 -4.82 -19.29 -19.00
C THR B 239 -6.13 -18.59 -19.42
N THR B 240 -6.21 -18.17 -20.69
CA THR B 240 -7.43 -17.53 -21.20
C THR B 240 -8.52 -18.61 -21.37
N THR B 241 -9.72 -18.36 -20.88
CA THR B 241 -10.84 -19.31 -21.02
C THR B 241 -11.92 -18.81 -21.98
N SER B 242 -11.85 -17.54 -22.42
CA SER B 242 -12.84 -17.00 -23.35
C SER B 242 -12.42 -17.23 -24.82
N ASP B 260 -15.47 -9.47 -24.22
CA ASP B 260 -14.93 -9.66 -22.88
C ASP B 260 -13.83 -10.73 -22.85
N SER B 261 -12.89 -10.60 -21.91
CA SER B 261 -11.83 -11.60 -21.75
C SER B 261 -11.99 -12.26 -20.38
N GLN B 262 -11.89 -13.59 -20.33
CA GLN B 262 -11.97 -14.34 -19.08
C GLN B 262 -10.71 -15.15 -18.91
N PHE B 263 -10.23 -15.24 -17.68
CA PHE B 263 -9.02 -15.97 -17.36
C PHE B 263 -9.23 -16.91 -16.19
N LEU B 264 -8.48 -18.00 -16.18
CA LEU B 264 -8.44 -18.97 -15.09
C LEU B 264 -7.07 -18.80 -14.44
N HIS B 265 -7.01 -18.73 -13.11
CA HIS B 265 -5.78 -18.46 -12.38
C HIS B 265 -5.40 -19.53 -11.36
N LEU B 266 -4.09 -19.67 -11.09
CA LEU B 266 -3.59 -20.60 -10.08
C LEU B 266 -2.32 -20.06 -9.40
N LEU B 267 -2.34 -19.97 -8.06
CA LEU B 267 -1.15 -19.61 -7.30
C LEU B 267 -0.73 -20.88 -6.59
N ARG B 268 0.53 -21.28 -6.74
CA ARG B 268 1.09 -22.47 -6.11
C ARG B 268 2.53 -22.19 -5.64
N LEU B 269 3.05 -22.95 -4.66
CA LEU B 269 4.43 -22.75 -4.18
C LEU B 269 5.41 -23.16 -5.26
N SER B 270 6.48 -22.35 -5.50
CA SER B 270 7.47 -22.59 -6.57
C SER B 270 8.13 -23.94 -6.54
N GLY B 271 8.27 -24.50 -5.35
CA GLY B 271 8.94 -25.78 -5.19
C GLY B 271 8.08 -26.96 -5.56
N ASP B 272 7.36 -27.48 -4.57
CA ASP B 272 6.52 -28.66 -4.70
C ASP B 272 5.25 -28.46 -5.51
N GLY B 273 4.90 -27.21 -5.84
CA GLY B 273 3.69 -26.95 -6.62
C GLY B 273 2.40 -27.04 -5.80
N GLN B 274 2.53 -26.96 -4.46
CA GLN B 274 1.39 -26.95 -3.52
C GLN B 274 0.47 -25.75 -3.78
N GLU B 275 -0.82 -26.00 -4.05
CA GLU B 275 -1.78 -24.92 -4.30
C GLU B 275 -2.03 -23.99 -3.09
N ILE B 276 -1.96 -22.67 -3.30
CA ILE B 276 -2.31 -21.72 -2.25
C ILE B 276 -3.64 -21.02 -2.63
N ASN B 277 -3.86 -20.73 -3.91
CA ASN B 277 -5.08 -20.08 -4.39
C ASN B 277 -5.44 -20.53 -5.80
N ARG B 278 -6.71 -20.37 -6.15
CA ARG B 278 -7.26 -20.51 -7.49
C ARG B 278 -8.33 -19.40 -7.68
N GLY B 279 -8.50 -18.93 -8.91
CA GLY B 279 -9.48 -17.88 -9.17
C GLY B 279 -9.81 -17.63 -10.62
N THR B 280 -10.74 -16.69 -10.88
CA THR B 280 -11.17 -16.28 -12.22
C THR B 280 -11.25 -14.75 -12.28
N THR B 281 -10.97 -14.19 -13.45
CA THR B 281 -11.14 -12.74 -13.67
C THR B 281 -11.93 -12.49 -14.95
N LEU B 282 -12.66 -11.40 -15.01
CA LEU B 282 -13.42 -11.02 -16.20
C LEU B 282 -13.01 -9.58 -16.52
N TRP B 283 -12.64 -9.32 -17.78
CA TRP B 283 -12.18 -7.99 -18.18
C TRP B 283 -13.03 -7.45 -19.33
N ARG B 284 -13.26 -6.12 -19.34
CA ARG B 284 -14.04 -5.43 -20.37
C ARG B 284 -13.15 -4.47 -21.17
N LYS B 285 -13.23 -4.49 -22.51
CA LYS B 285 -12.49 -3.56 -23.37
C LYS B 285 -12.89 -2.12 -23.04
N LYS B 286 -11.90 -1.22 -22.85
CA LYS B 286 -12.20 0.18 -22.53
C LYS B 286 -12.90 0.87 -23.71
C10 YDG C . 4.39 23.16 -4.33
C01 YDG C . 9.62 21.08 -7.26
N02 YDG C . 9.10 20.65 -5.97
C03 YDG C . 9.88 19.60 -5.33
C04 YDG C . 8.01 21.16 -5.37
O05 YDG C . 7.58 20.68 -4.32
C06 YDG C . 7.33 22.36 -6.04
N07 YDG C . 6.30 22.94 -5.20
C08 YDG C . 6.34 24.10 -4.52
C09 YDG C . 5.13 24.24 -3.91
N11 YDG C . 5.08 22.36 -5.13
C10 YDG D . -18.75 -7.01 12.91
C01 YDG D . -16.52 -12.05 9.33
N02 YDG D . -16.91 -11.76 10.71
C03 YDG D . -16.63 -12.85 11.64
C04 YDG D . -17.42 -10.55 11.02
O05 YDG D . -17.35 -9.62 10.22
C06 YDG D . -18.06 -10.40 12.39
N07 YDG D . -18.67 -9.09 12.56
C08 YDG D . -19.97 -8.78 12.59
C09 YDG D . -20.07 -7.44 12.79
N11 YDG D . -17.88 -8.01 12.80
#